data_6HYH
#
_entry.id   6HYH
#
_cell.length_a   118.065
_cell.length_b   118.065
_cell.length_c   232.200
_cell.angle_alpha   90.000
_cell.angle_beta   90.000
_cell.angle_gamma   90.000
#
_symmetry.space_group_name_H-M   'I 41 2 2'
#
loop_
_entity.id
_entity.type
_entity.pdbx_description
1 polymer 'Periplasmic binding protein/LacI transcriptional regulator'
2 non-polymer 'ZINC ION'
3 non-polymer beta-D-fucofuranose
4 water water
#
_entity_poly.entity_id   1
_entity_poly.type   'polypeptide(L)'
_entity_poly.pdbx_seq_one_letter_code
;SGKAPGSEGGSAPDGALTLGFAQVGAESGWRTANTESIKSAAEEAGVNLKFADANGEQEKQISAIRSFIQQGVDVIAFSP
VVRTGWDAVLQETKNAGIPVILTDRAVDTQDTDVYKTFIGADFIEEGRRAGQWVADQYASATGPVNIVQLEGTTGADPAI
DRKTGFAEGISKNPNLKIVASQTGDFTRSGGKQVMEAFLKSTPQIDVVFAQNDDMGLGAMEAIEAAGKKPGTDIKIVAVD
ATHDGMQALADGKFNYIVECNPLLGPELMDLAKKVAAGEPVPERVVTPDEAFDQAQAKAALPNRQYKLAAALEHHHHHH
;
_entity_poly.pdbx_strand_id   A,B
#
# COMPACT_ATOMS: atom_id res chain seq x y z
N ALA A 16 12.96 -26.76 15.62
CA ALA A 16 12.30 -25.70 14.86
C ALA A 16 12.06 -24.46 15.72
N LEU A 17 11.66 -23.35 15.08
CA LEU A 17 11.63 -22.05 15.74
C LEU A 17 10.52 -22.01 16.78
N THR A 18 10.77 -21.28 17.86
CA THR A 18 9.72 -21.09 18.85
C THR A 18 9.54 -19.61 19.15
N LEU A 19 8.33 -19.12 18.87
CA LEU A 19 7.91 -17.73 18.95
C LEU A 19 6.89 -17.54 20.05
N GLY A 20 7.05 -16.49 20.86
CA GLY A 20 6.06 -16.13 21.85
C GLY A 20 5.29 -14.90 21.42
N PHE A 21 3.96 -15.00 21.48
CA PHE A 21 3.11 -13.86 21.17
C PHE A 21 2.18 -13.55 22.34
N ALA A 22 2.20 -12.29 22.80
CA ALA A 22 1.36 -11.80 23.90
C ALA A 22 0.29 -10.88 23.32
N GLN A 23 -0.89 -11.44 23.07
CA GLN A 23 -1.98 -10.69 22.48
C GLN A 23 -2.71 -9.88 23.55
N VAL A 24 -3.29 -8.74 23.11
CA VAL A 24 -4.08 -7.85 23.99
C VAL A 24 -5.17 -8.63 24.71
N GLY A 25 -6.11 -9.18 23.94
CA GLY A 25 -7.31 -9.79 24.46
C GLY A 25 -8.19 -10.14 23.28
N ALA A 26 -9.49 -10.16 23.51
CA ALA A 26 -10.47 -10.48 22.46
C ALA A 26 -11.59 -9.45 22.47
N GLU A 27 -11.22 -8.17 22.51
CA GLU A 27 -12.24 -7.15 22.70
C GLU A 27 -13.15 -6.98 21.48
N SER A 28 -12.68 -7.35 20.28
CA SER A 28 -13.33 -6.98 19.03
C SER A 28 -13.18 -8.09 17.99
N GLY A 29 -14.04 -8.04 16.98
CA GLY A 29 -13.90 -9.00 15.91
C GLY A 29 -12.59 -8.85 15.18
N TRP A 30 -12.09 -7.61 15.06
CA TRP A 30 -10.75 -7.48 14.49
C TRP A 30 -9.74 -8.24 15.33
N ARG A 31 -9.77 -8.10 16.66
CA ARG A 31 -8.73 -8.73 17.46
C ARG A 31 -8.82 -10.25 17.36
N THR A 32 -10.03 -10.81 17.39
CA THR A 32 -10.08 -12.27 17.29
C THR A 32 -9.72 -12.72 15.89
N ALA A 33 -10.09 -11.95 14.85
CA ALA A 33 -9.60 -12.25 13.51
C ALA A 33 -8.08 -12.35 13.50
N ASN A 34 -7.43 -11.29 13.98
CA ASN A 34 -5.98 -11.23 14.04
C ASN A 34 -5.41 -12.39 14.86
N THR A 35 -5.99 -12.71 16.01
CA THR A 35 -5.50 -13.83 16.82
C THR A 35 -5.56 -15.15 16.03
N GLU A 36 -6.67 -15.37 15.32
CA GLU A 36 -6.78 -16.51 14.41
C GLU A 36 -5.68 -16.49 13.35
N SER A 37 -5.45 -15.32 12.75
CA SER A 37 -4.48 -15.33 11.66
C SER A 37 -3.10 -15.70 12.21
N ILE A 38 -2.78 -15.22 13.42
CA ILE A 38 -1.48 -15.56 14.01
C ILE A 38 -1.41 -17.04 14.34
N LYS A 39 -2.46 -17.60 14.96
CA LYS A 39 -2.38 -19.02 15.34
C LYS A 39 -2.22 -19.92 14.10
N SER A 40 -3.04 -19.71 13.08
CA SER A 40 -2.92 -20.58 11.91
C SER A 40 -1.65 -20.25 11.09
N ALA A 41 -1.20 -18.98 11.06
CA ALA A 41 0.05 -18.68 10.35
C ALA A 41 1.23 -19.39 11.00
N ALA A 42 1.35 -19.30 12.33
CA ALA A 42 2.38 -20.08 13.01
C ALA A 42 2.21 -21.56 12.70
N GLU A 43 0.96 -22.05 12.70
CA GLU A 43 0.73 -23.46 12.48
C GLU A 43 1.21 -23.93 11.12
N GLU A 44 1.19 -23.05 10.11
CA GLU A 44 1.53 -23.51 8.77
C GLU A 44 2.90 -23.05 8.28
N ALA A 45 3.48 -22.02 8.88
CA ALA A 45 4.89 -21.73 8.63
C ALA A 45 5.80 -22.70 9.37
N GLY A 46 5.25 -23.55 10.25
CA GLY A 46 6.05 -24.48 11.01
C GLY A 46 6.59 -23.98 12.34
N VAL A 47 5.96 -22.97 12.93
CA VAL A 47 6.52 -22.25 14.07
C VAL A 47 5.90 -22.77 15.36
N ASN A 48 6.73 -23.05 16.37
CA ASN A 48 6.24 -23.41 17.70
C ASN A 48 5.76 -22.14 18.39
N LEU A 49 4.46 -21.91 18.39
CA LEU A 49 3.89 -20.70 18.97
C LEU A 49 3.50 -20.92 20.42
N LYS A 50 3.81 -19.93 21.26
CA LYS A 50 3.35 -19.90 22.64
C LYS A 50 2.60 -18.59 22.81
N PHE A 51 1.31 -18.69 23.08
CA PHE A 51 0.37 -17.60 22.88
C PHE A 51 -0.28 -17.27 24.21
N ALA A 52 -0.29 -15.98 24.57
CA ALA A 52 -0.86 -15.50 25.83
C ALA A 52 -1.95 -14.50 25.52
N ASP A 53 -3.07 -14.57 26.25
CA ASP A 53 -4.22 -13.69 26.09
C ASP A 53 -4.38 -12.88 27.38
N ALA A 54 -4.06 -11.59 27.31
CA ALA A 54 -3.98 -10.77 28.52
C ALA A 54 -5.31 -10.19 28.98
N ASN A 55 -6.44 -10.55 28.36
CA ASN A 55 -7.77 -10.08 28.78
C ASN A 55 -7.80 -8.57 28.98
N GLY A 56 -7.13 -7.84 28.08
CA GLY A 56 -7.13 -6.41 28.06
C GLY A 56 -6.35 -5.72 29.15
N GLU A 57 -5.47 -6.44 29.88
CA GLU A 57 -4.77 -5.90 31.04
C GLU A 57 -3.28 -5.86 30.77
N GLN A 58 -2.67 -4.69 30.90
CA GLN A 58 -1.27 -4.55 30.53
C GLN A 58 -0.38 -5.44 31.39
N GLU A 59 -0.69 -5.54 32.68
CA GLU A 59 0.18 -6.24 33.61
C GLU A 59 0.25 -7.74 33.29
N LYS A 60 -0.84 -8.28 32.73
CA LYS A 60 -0.85 -9.66 32.28
C LYS A 60 -0.09 -9.85 30.96
N GLN A 61 -0.04 -8.84 30.10
CA GLN A 61 0.84 -8.90 28.93
C GLN A 61 2.29 -8.91 29.36
N ILE A 62 2.65 -7.97 30.23
CA ILE A 62 4.02 -7.89 30.72
C ILE A 62 4.45 -9.19 31.36
N SER A 63 3.57 -9.80 32.16
CA SER A 63 3.98 -11.05 32.82
C SER A 63 4.07 -12.19 31.80
N ALA A 64 3.17 -12.23 30.81
CA ALA A 64 3.36 -13.18 29.71
C ALA A 64 4.74 -13.01 29.07
N ILE A 65 5.16 -11.76 28.81
CA ILE A 65 6.47 -11.49 28.20
C ILE A 65 7.60 -12.02 29.08
N ARG A 66 7.52 -11.73 30.38
CA ARG A 66 8.56 -12.18 31.30
C ARG A 66 8.64 -13.70 31.31
N SER A 67 7.50 -14.37 31.20
CA SER A 67 7.56 -15.83 31.16
C SER A 67 8.04 -16.35 29.81
N PHE A 68 7.85 -15.57 28.74
CA PHE A 68 8.50 -15.91 27.48
C PHE A 68 10.02 -15.88 27.65
N ILE A 69 10.54 -14.82 28.27
CA ILE A 69 11.97 -14.78 28.56
C ILE A 69 12.38 -16.00 29.36
N GLN A 70 11.56 -16.36 30.36
CA GLN A 70 11.96 -17.44 31.24
C GLN A 70 11.88 -18.79 30.54
N GLN A 71 11.20 -18.87 29.40
CA GLN A 71 11.16 -20.07 28.58
C GLN A 71 12.23 -20.12 27.51
N GLY A 72 12.95 -19.03 27.27
CA GLY A 72 13.98 -19.07 26.24
C GLY A 72 13.42 -19.13 24.83
N VAL A 73 12.25 -18.52 24.60
CA VAL A 73 11.70 -18.39 23.26
C VAL A 73 12.74 -17.70 22.37
N ASP A 74 12.76 -18.05 21.09
CA ASP A 74 13.77 -17.54 20.17
C ASP A 74 13.41 -16.16 19.64
N VAL A 75 12.12 -15.88 19.45
CA VAL A 75 11.63 -14.56 19.09
C VAL A 75 10.41 -14.27 19.93
N ILE A 76 10.24 -13.00 20.30
CA ILE A 76 9.08 -12.56 21.07
C ILE A 76 8.37 -11.46 20.30
N ALA A 77 7.04 -11.53 20.27
CA ALA A 77 6.26 -10.49 19.59
C ALA A 77 4.99 -10.24 20.39
N PHE A 78 4.53 -8.98 20.37
CA PHE A 78 3.30 -8.63 21.08
C PHE A 78 2.65 -7.43 20.40
N SER A 79 1.49 -7.05 20.93
CA SER A 79 0.77 -5.88 20.44
C SER A 79 0.38 -5.06 21.66
N PRO A 80 1.05 -3.89 21.89
CA PRO A 80 0.92 -3.21 23.19
C PRO A 80 -0.43 -2.56 23.42
N VAL A 81 -1.18 -3.08 24.39
CA VAL A 81 -2.49 -2.55 24.80
C VAL A 81 -2.49 -1.03 24.69
N VAL A 82 -1.43 -0.42 25.23
CA VAL A 82 -1.29 1.02 25.28
C VAL A 82 0.16 1.35 25.00
N ARG A 83 0.43 2.62 24.73
CA ARG A 83 1.77 2.93 24.28
C ARG A 83 2.76 2.86 25.43
N THR A 84 2.31 3.15 26.65
CA THR A 84 3.16 3.45 27.79
C THR A 84 3.43 2.27 28.71
N GLY A 85 4.64 2.22 29.25
CA GLY A 85 4.99 1.39 30.39
C GLY A 85 5.65 0.06 30.09
N TRP A 86 6.52 0.03 29.09
CA TRP A 86 7.18 -1.20 28.67
C TRP A 86 8.68 -1.13 28.89
N ASP A 87 9.17 -0.02 29.45
CA ASP A 87 10.60 0.25 29.49
C ASP A 87 11.37 -0.92 30.07
N ALA A 88 10.99 -1.30 31.29
CA ALA A 88 11.65 -2.39 32.01
C ALA A 88 11.63 -3.70 31.23
N VAL A 89 10.43 -4.17 30.84
CA VAL A 89 10.36 -5.50 30.23
C VAL A 89 11.01 -5.51 28.85
N LEU A 90 11.08 -4.35 28.16
CA LEU A 90 11.75 -4.35 26.86
C LEU A 90 13.25 -4.34 27.00
N GLN A 91 13.78 -3.62 28.02
CA GLN A 91 15.20 -3.71 28.32
C GLN A 91 15.57 -5.13 28.76
N GLU A 92 14.65 -5.81 29.45
CA GLU A 92 14.86 -7.22 29.83
C GLU A 92 14.98 -8.13 28.63
N THR A 93 14.04 -8.04 27.69
CA THR A 93 14.18 -8.84 26.48
C THR A 93 15.44 -8.49 25.71
N LYS A 94 15.77 -7.20 25.62
CA LYS A 94 17.08 -6.82 25.09
C LYS A 94 18.20 -7.60 25.76
N ASN A 95 18.15 -7.69 27.08
CA ASN A 95 19.28 -8.20 27.84
C ASN A 95 19.30 -9.74 27.85
N ALA A 96 18.16 -10.37 27.54
CA ALA A 96 18.14 -11.81 27.27
C ALA A 96 18.61 -12.14 25.87
N GLY A 97 18.69 -11.16 24.97
CA GLY A 97 19.06 -11.45 23.59
C GLY A 97 17.94 -11.96 22.74
N ILE A 98 16.69 -11.72 23.13
CA ILE A 98 15.52 -12.20 22.41
C ILE A 98 15.08 -11.09 21.45
N PRO A 99 15.21 -11.26 20.13
CA PRO A 99 14.64 -10.26 19.22
C PRO A 99 13.16 -10.05 19.54
N VAL A 100 12.71 -8.78 19.49
CA VAL A 100 11.28 -8.46 19.62
C VAL A 100 10.76 -7.87 18.31
N ILE A 101 9.52 -8.26 17.97
CA ILE A 101 8.80 -7.74 16.82
C ILE A 101 7.50 -7.15 17.36
N LEU A 102 7.25 -5.89 17.04
CA LEU A 102 6.00 -5.25 17.38
C LEU A 102 4.97 -5.51 16.29
N THR A 103 3.71 -5.68 16.71
CA THR A 103 2.60 -5.90 15.79
C THR A 103 1.45 -4.97 16.17
N ASP A 104 0.86 -4.34 15.13
CA ASP A 104 -0.36 -3.52 15.06
C ASP A 104 -0.26 -2.24 15.88
N ARG A 105 0.05 -2.32 17.19
CA ARG A 105 0.03 -1.14 18.06
C ARG A 105 1.45 -0.72 18.43
N ALA A 106 1.68 0.60 18.52
CA ALA A 106 3.00 1.11 18.84
C ALA A 106 3.25 1.16 20.35
N VAL A 107 4.54 1.24 20.71
CA VAL A 107 4.97 1.51 22.08
C VAL A 107 5.61 2.89 22.08
N ASP A 108 5.54 3.58 23.21
CA ASP A 108 6.15 4.91 23.34
C ASP A 108 7.32 4.74 24.30
N THR A 109 8.47 4.44 23.70
CA THR A 109 9.66 4.04 24.43
C THR A 109 10.76 5.08 24.29
N GLN A 110 11.57 5.15 25.33
CA GLN A 110 12.65 6.12 25.47
C GLN A 110 14.01 5.43 25.34
N ASP A 111 14.05 4.18 24.85
CA ASP A 111 15.28 3.43 24.59
C ASP A 111 15.34 3.00 23.13
N THR A 112 16.54 2.59 22.69
CA THR A 112 16.85 2.43 21.28
C THR A 112 17.09 0.97 20.92
N ASP A 113 16.64 0.60 19.71
CA ASP A 113 16.78 -0.77 19.23
C ASP A 113 16.35 -1.78 20.27
N VAL A 114 15.24 -1.50 20.97
CA VAL A 114 14.58 -2.47 21.84
C VAL A 114 13.61 -3.39 21.12
N TYR A 115 13.38 -3.17 19.82
CA TYR A 115 12.60 -4.07 18.97
C TYR A 115 13.13 -3.96 17.56
N LYS A 116 12.92 -5.00 16.75
CA LYS A 116 13.59 -5.13 15.46
C LYS A 116 12.72 -4.69 14.29
N THR A 117 11.41 -4.57 14.47
CA THR A 117 10.56 -4.11 13.39
C THR A 117 9.15 -4.02 13.93
N PHE A 118 8.32 -3.26 13.21
CA PHE A 118 6.95 -2.99 13.64
C PHE A 118 6.03 -3.08 12.43
N ILE A 119 5.11 -4.05 12.46
CA ILE A 119 4.23 -4.37 11.34
C ILE A 119 2.81 -4.05 11.76
N GLY A 120 2.22 -3.07 11.10
CA GLY A 120 0.89 -2.63 11.48
C GLY A 120 0.35 -1.74 10.40
N ALA A 121 -0.84 -1.21 10.66
CA ALA A 121 -1.56 -0.32 9.76
C ALA A 121 -1.22 1.13 10.09
N ASP A 122 -1.62 2.05 9.21
CA ASP A 122 -1.41 3.48 9.46
C ASP A 122 -2.71 4.06 10.01
N PHE A 123 -2.81 4.05 11.35
CA PHE A 123 -4.06 4.45 12.03
C PHE A 123 -4.42 5.90 11.79
N ILE A 124 -3.43 6.80 11.76
CA ILE A 124 -3.75 8.20 11.52
C ILE A 124 -4.52 8.34 10.22
N GLU A 125 -4.04 7.66 9.17
CA GLU A 125 -4.63 7.83 7.85
C GLU A 125 -6.00 7.19 7.78
N GLU A 126 -6.25 6.13 8.56
CA GLU A 126 -7.59 5.58 8.65
C GLU A 126 -8.55 6.62 9.21
N GLY A 127 -8.16 7.25 10.33
CA GLY A 127 -8.96 8.35 10.86
C GLY A 127 -9.16 9.49 9.88
N ARG A 128 -8.10 9.83 9.12
CA ARG A 128 -8.18 10.93 8.17
C ARG A 128 -9.12 10.59 7.02
N ARG A 129 -9.15 9.32 6.59
CA ARG A 129 -9.97 9.00 5.45
C ARG A 129 -11.44 8.92 5.83
N ALA A 130 -11.72 8.55 7.09
CA ALA A 130 -13.10 8.67 7.59
C ALA A 130 -13.52 10.13 7.73
N GLY A 131 -12.66 10.97 8.32
CA GLY A 131 -13.00 12.37 8.47
C GLY A 131 -13.24 13.05 7.13
N GLN A 132 -12.44 12.67 6.12
CA GLN A 132 -12.62 13.29 4.82
C GLN A 132 -13.87 12.79 4.13
N TRP A 133 -14.28 11.54 4.39
CA TRP A 133 -15.59 11.10 3.89
C TRP A 133 -16.70 11.97 4.47
N VAL A 134 -16.67 12.19 5.80
CA VAL A 134 -17.66 13.09 6.43
C VAL A 134 -17.63 14.46 5.74
N ALA A 135 -16.43 15.01 5.53
CA ALA A 135 -16.28 16.31 4.86
C ALA A 135 -16.83 16.31 3.44
N ASP A 136 -16.70 15.19 2.70
CA ASP A 136 -17.13 15.23 1.31
C ASP A 136 -18.63 15.01 1.20
N GLN A 137 -19.21 14.39 2.22
CA GLN A 137 -20.66 14.23 2.25
C GLN A 137 -21.35 15.55 2.58
N TYR A 138 -20.98 16.17 3.69
CA TYR A 138 -21.59 17.42 4.15
C TYR A 138 -20.90 18.66 3.57
N ALA A 139 -20.48 18.60 2.30
CA ALA A 139 -19.82 19.74 1.68
C ALA A 139 -20.79 20.89 1.41
N SER A 140 -22.09 20.60 1.29
CA SER A 140 -23.13 21.60 1.08
C SER A 140 -24.08 21.71 2.27
N ALA A 141 -23.69 21.18 3.43
CA ALA A 141 -24.48 21.30 4.65
C ALA A 141 -24.91 22.74 4.87
N THR A 142 -26.22 22.94 4.98
CA THR A 142 -26.77 24.29 5.11
C THR A 142 -26.35 24.92 6.43
N GLY A 143 -26.38 24.15 7.52
CA GLY A 143 -25.96 24.62 8.82
C GLY A 143 -25.03 23.63 9.51
N PRO A 144 -24.98 23.68 10.84
CA PRO A 144 -24.04 22.84 11.56
C PRO A 144 -24.42 21.37 11.41
N VAL A 145 -23.38 20.54 11.39
CA VAL A 145 -23.51 19.10 11.21
C VAL A 145 -22.79 18.44 12.39
N ASN A 146 -23.49 17.58 13.10
CA ASN A 146 -23.08 17.23 14.44
C ASN A 146 -22.51 15.82 14.47
N ILE A 147 -21.27 15.72 14.90
CA ILE A 147 -20.54 14.48 14.88
C ILE A 147 -20.34 14.04 16.32
N VAL A 148 -20.47 12.74 16.54
CA VAL A 148 -20.25 12.12 17.82
C VAL A 148 -19.13 11.11 17.60
N GLN A 149 -18.16 11.06 18.52
CA GLN A 149 -17.03 10.14 18.37
C GLN A 149 -17.05 9.08 19.46
N LEU A 150 -17.01 7.82 19.04
CA LEU A 150 -16.85 6.68 19.93
C LEU A 150 -15.37 6.34 19.92
N GLU A 151 -14.68 6.57 21.06
CA GLU A 151 -13.23 6.54 21.12
C GLU A 151 -12.73 5.17 21.63
N GLY A 152 -11.49 4.80 21.23
CA GLY A 152 -10.93 3.51 21.57
C GLY A 152 -10.27 3.53 22.95
N THR A 153 -9.87 2.33 23.41
CA THR A 153 -9.22 2.17 24.73
C THR A 153 -8.30 3.35 24.96
N THR A 154 -8.63 4.23 25.92
CA THR A 154 -7.77 5.39 26.15
C THR A 154 -6.37 4.89 26.49
N GLY A 155 -5.40 5.27 25.67
CA GLY A 155 -4.01 4.87 25.86
C GLY A 155 -3.44 4.02 24.75
N ALA A 156 -4.30 3.42 23.90
CA ALA A 156 -3.84 2.56 22.79
C ALA A 156 -3.49 3.38 21.55
N ASP A 157 -2.44 2.96 20.84
CA ASP A 157 -1.98 3.61 19.63
C ASP A 157 -3.15 3.94 18.69
N PRO A 158 -3.93 2.93 18.28
CA PRO A 158 -4.97 3.20 17.26
C PRO A 158 -6.00 4.26 17.66
N ALA A 159 -6.44 4.26 18.93
CA ALA A 159 -7.41 5.26 19.37
C ALA A 159 -6.86 6.67 19.24
N ILE A 160 -5.64 6.89 19.75
CA ILE A 160 -5.03 8.22 19.73
C ILE A 160 -4.81 8.69 18.29
N ASP A 161 -4.27 7.81 17.45
CA ASP A 161 -4.00 8.16 16.07
C ASP A 161 -5.30 8.38 15.29
N ARG A 162 -6.30 7.52 15.49
CA ARG A 162 -7.52 7.67 14.72
C ARG A 162 -8.24 8.95 15.09
N LYS A 163 -8.34 9.25 16.41
CA LYS A 163 -8.77 10.58 16.85
C LYS A 163 -8.06 11.70 16.07
N THR A 164 -6.71 11.71 16.08
CA THR A 164 -5.99 12.80 15.39
C THR A 164 -6.37 12.89 13.93
N GLY A 165 -6.34 11.76 13.23
CA GLY A 165 -6.60 11.78 11.80
C GLY A 165 -8.01 12.23 11.48
N PHE A 166 -9.00 11.70 12.22
CA PHE A 166 -10.38 12.12 11.98
C PHE A 166 -10.54 13.60 12.27
N ALA A 167 -9.93 14.09 13.35
CA ALA A 167 -9.93 15.52 13.61
C ALA A 167 -9.47 16.29 12.37
N GLU A 168 -8.34 15.89 11.80
CA GLU A 168 -7.84 16.64 10.65
C GLU A 168 -8.74 16.48 9.43
N GLY A 169 -9.36 15.31 9.23
CA GLY A 169 -10.16 15.08 8.05
C GLY A 169 -11.38 15.98 7.94
N ILE A 170 -12.03 16.24 9.07
CA ILE A 170 -13.15 17.19 9.09
C ILE A 170 -12.68 18.63 9.27
N SER A 171 -11.37 18.83 9.52
CA SER A 171 -10.82 20.11 9.97
C SER A 171 -10.99 21.26 8.99
N LYS A 172 -11.43 21.02 7.76
CA LYS A 172 -11.49 22.15 6.83
C LYS A 172 -12.90 22.32 6.24
N ASN A 173 -13.91 21.86 6.98
CA ASN A 173 -15.32 22.20 6.75
C ASN A 173 -15.90 22.67 8.08
N PRO A 174 -16.08 23.98 8.27
CA PRO A 174 -16.42 24.49 9.62
C PRO A 174 -17.80 24.07 10.10
N ASN A 175 -18.69 23.63 9.20
CA ASN A 175 -20.00 23.12 9.62
C ASN A 175 -19.84 21.87 10.48
N LEU A 176 -18.89 21.01 10.14
CA LEU A 176 -18.72 19.76 10.87
C LEU A 176 -18.12 20.07 12.22
N LYS A 177 -18.78 19.65 13.30
CA LYS A 177 -18.13 19.73 14.59
C LYS A 177 -18.43 18.53 15.47
N ILE A 178 -17.41 18.12 16.20
CA ILE A 178 -17.53 16.98 17.09
C ILE A 178 -18.04 17.55 18.41
N VAL A 179 -19.32 17.28 18.70
CA VAL A 179 -19.93 17.82 19.91
C VAL A 179 -19.65 16.94 21.11
N ALA A 180 -19.62 15.63 20.90
CA ALA A 180 -19.44 14.66 21.97
C ALA A 180 -18.43 13.63 21.49
N SER A 181 -17.54 13.24 22.39
CA SER A 181 -16.51 12.27 22.07
C SER A 181 -16.10 11.58 23.37
N GLN A 182 -16.25 10.25 23.42
CA GLN A 182 -15.86 9.55 24.63
C GLN A 182 -15.51 8.09 24.32
N THR A 183 -14.78 7.47 25.24
CA THR A 183 -14.18 6.17 24.98
C THR A 183 -15.21 5.07 25.22
N GLY A 184 -15.09 3.99 24.44
CA GLY A 184 -15.99 2.85 24.49
C GLY A 184 -15.23 1.53 24.48
N ASP A 185 -13.91 1.62 24.69
CA ASP A 185 -13.03 0.45 24.90
C ASP A 185 -13.04 -0.54 23.74
N PHE A 186 -13.27 -0.06 22.53
CA PHE A 186 -13.23 -0.91 21.33
C PHE A 186 -14.17 -2.12 21.46
N THR A 187 -15.32 -1.95 22.14
CA THR A 187 -16.19 -3.09 22.35
C THR A 187 -17.58 -2.72 21.88
N ARG A 188 -18.37 -3.74 21.54
CA ARG A 188 -19.77 -3.48 21.23
C ARG A 188 -20.50 -2.85 22.41
N SER A 189 -20.48 -3.51 23.56
CA SER A 189 -21.20 -2.98 24.71
C SER A 189 -20.74 -1.57 25.06
N GLY A 190 -19.45 -1.28 24.90
CA GLY A 190 -18.99 0.08 25.12
C GLY A 190 -19.63 1.09 24.19
N GLY A 191 -19.64 0.78 22.89
CA GLY A 191 -20.25 1.69 21.94
C GLY A 191 -21.74 1.84 22.18
N LYS A 192 -22.43 0.73 22.41
CA LYS A 192 -23.82 0.80 22.81
C LYS A 192 -24.02 1.78 23.97
N GLN A 193 -23.25 1.60 25.03
CA GLN A 193 -23.47 2.38 26.23
C GLN A 193 -23.20 3.85 25.97
N VAL A 194 -22.01 4.15 25.47
CA VAL A 194 -21.69 5.55 25.17
C VAL A 194 -22.69 6.14 24.17
N MET A 195 -23.27 5.33 23.28
CA MET A 195 -24.22 5.90 22.33
C MET A 195 -25.55 6.23 23.00
N GLU A 196 -25.96 5.44 24.00
CA GLU A 196 -27.20 5.81 24.67
C GLU A 196 -26.99 7.07 25.49
N ALA A 197 -25.79 7.22 26.04
CA ALA A 197 -25.46 8.48 26.69
C ALA A 197 -25.48 9.66 25.70
N PHE A 198 -25.05 9.42 24.45
CA PHE A 198 -25.01 10.52 23.48
C PHE A 198 -26.40 10.90 23.02
N LEU A 199 -27.25 9.89 22.80
CA LEU A 199 -28.67 10.13 22.55
C LEU A 199 -29.31 10.98 23.65
N LYS A 200 -28.91 10.78 24.90
CA LYS A 200 -29.50 11.60 25.96
C LYS A 200 -28.93 13.02 25.91
N SER A 201 -27.62 13.15 26.01
CA SER A 201 -27.00 14.47 26.09
C SER A 201 -27.07 15.22 24.76
N THR A 202 -26.70 14.60 23.72
CA THR A 202 -26.72 15.53 22.60
C THR A 202 -28.03 15.41 21.83
N PRO A 203 -28.74 16.50 21.57
CA PRO A 203 -30.12 16.35 21.09
C PRO A 203 -30.20 16.24 19.57
N GLN A 204 -29.12 16.62 18.88
CA GLN A 204 -29.04 16.55 17.42
C GLN A 204 -27.76 15.83 17.03
N ILE A 205 -27.88 14.66 16.43
CA ILE A 205 -26.73 13.84 16.09
C ILE A 205 -26.84 13.48 14.61
N ASP A 206 -25.87 13.93 13.82
CA ASP A 206 -25.87 13.71 12.37
C ASP A 206 -24.99 12.53 11.98
N VAL A 207 -23.79 12.45 12.54
CA VAL A 207 -22.84 11.41 12.21
C VAL A 207 -22.27 10.81 13.48
N VAL A 208 -21.99 9.51 13.42
CA VAL A 208 -21.23 8.81 14.43
C VAL A 208 -19.93 8.37 13.79
N PHE A 209 -18.81 8.66 14.43
CA PHE A 209 -17.53 8.15 13.99
C PHE A 209 -17.11 7.10 15.01
N ALA A 210 -17.07 5.83 14.58
CA ALA A 210 -16.79 4.70 15.45
C ALA A 210 -15.36 4.22 15.19
N GLN A 211 -14.49 4.42 16.21
CA GLN A 211 -13.07 4.16 16.03
C GLN A 211 -12.79 2.69 15.72
N ASN A 212 -13.66 1.79 16.16
CA ASN A 212 -13.67 0.45 15.59
C ASN A 212 -15.11 0.09 15.31
N ASP A 213 -15.34 -0.71 14.27
CA ASP A 213 -16.74 -0.84 13.90
C ASP A 213 -17.51 -1.73 14.87
N ASP A 214 -16.83 -2.38 15.81
CA ASP A 214 -17.56 -3.02 16.90
C ASP A 214 -18.32 -2.00 17.74
N MET A 215 -17.65 -0.92 18.13
CA MET A 215 -18.38 0.12 18.85
C MET A 215 -19.51 0.72 17.99
N GLY A 216 -19.33 0.79 16.67
CA GLY A 216 -20.41 1.20 15.78
C GLY A 216 -21.60 0.24 15.78
N LEU A 217 -21.35 -1.07 15.87
CA LEU A 217 -22.46 -2.03 15.95
C LEU A 217 -23.23 -1.83 17.27
N GLY A 218 -22.49 -1.58 18.35
CA GLY A 218 -23.16 -1.23 19.58
C GLY A 218 -24.00 0.04 19.42
N ALA A 219 -23.41 1.07 18.83
CA ALA A 219 -24.16 2.31 18.62
C ALA A 219 -25.35 2.07 17.71
N MET A 220 -25.19 1.23 16.70
CA MET A 220 -26.29 0.88 15.82
C MET A 220 -27.46 0.32 16.63
N GLU A 221 -27.18 -0.63 17.55
CA GLU A 221 -28.28 -1.13 18.38
C GLU A 221 -28.91 -0.01 19.19
N ALA A 222 -28.08 0.92 19.67
CA ALA A 222 -28.62 2.00 20.51
C ALA A 222 -29.53 2.94 19.71
N ILE A 223 -29.14 3.19 18.46
CA ILE A 223 -29.96 4.01 17.57
C ILE A 223 -31.28 3.32 17.27
N GLU A 224 -31.21 2.04 16.86
CA GLU A 224 -32.42 1.24 16.69
C GLU A 224 -33.35 1.34 17.90
N ALA A 225 -32.83 1.02 19.09
CA ALA A 225 -33.66 0.98 20.29
C ALA A 225 -34.34 2.34 20.53
N ALA A 226 -33.59 3.42 20.35
CA ALA A 226 -34.12 4.78 20.53
C ALA A 226 -35.19 5.13 19.52
N GLY A 227 -35.39 4.34 18.47
CA GLY A 227 -36.47 4.63 17.57
C GLY A 227 -36.05 5.33 16.31
N LYS A 228 -34.76 5.42 16.03
CA LYS A 228 -34.24 6.02 14.81
C LYS A 228 -33.56 4.95 14.00
N LYS A 229 -33.24 5.29 12.76
CA LYS A 229 -32.84 4.27 11.80
C LYS A 229 -31.38 4.44 11.44
N PRO A 230 -30.48 3.56 11.91
CA PRO A 230 -29.06 3.71 11.57
C PRO A 230 -28.85 3.68 10.06
N GLY A 231 -27.88 4.47 9.62
CA GLY A 231 -27.49 4.50 8.24
C GLY A 231 -28.21 5.54 7.41
N THR A 232 -29.40 5.97 7.86
CA THR A 232 -30.15 7.04 7.20
C THR A 232 -30.50 8.18 8.14
N ASP A 233 -30.99 7.91 9.35
CA ASP A 233 -31.26 9.02 10.27
C ASP A 233 -29.97 9.54 10.87
N ILE A 234 -29.22 8.68 11.55
CA ILE A 234 -27.86 8.92 11.97
C ILE A 234 -26.95 8.09 11.08
N LYS A 235 -25.97 8.73 10.45
CA LYS A 235 -25.04 7.99 9.63
C LYS A 235 -23.90 7.47 10.50
N ILE A 236 -23.30 6.38 10.07
CA ILE A 236 -22.19 5.80 10.81
C ILE A 236 -21.01 5.61 9.88
N VAL A 237 -19.82 5.99 10.37
CA VAL A 237 -18.55 5.79 9.70
C VAL A 237 -17.67 5.08 10.70
N ALA A 238 -16.98 4.03 10.28
CA ALA A 238 -16.19 3.29 11.25
C ALA A 238 -14.90 2.78 10.63
N VAL A 239 -14.02 2.29 11.49
CA VAL A 239 -12.73 1.72 11.08
C VAL A 239 -12.70 0.23 11.43
N ASP A 240 -12.11 -0.58 10.54
CA ASP A 240 -11.85 -2.02 10.66
C ASP A 240 -12.30 -2.81 9.42
N ALA A 241 -13.58 -2.77 9.10
CA ALA A 241 -14.09 -3.61 8.03
C ALA A 241 -14.03 -5.06 8.48
N THR A 242 -14.52 -5.29 9.70
CA THR A 242 -14.71 -6.63 10.23
C THR A 242 -15.80 -7.35 9.45
N HIS A 243 -16.02 -8.62 9.77
CA HIS A 243 -17.11 -9.32 9.08
C HIS A 243 -18.41 -8.60 9.34
N ASP A 244 -18.71 -8.35 10.61
CA ASP A 244 -20.05 -7.82 10.88
C ASP A 244 -20.13 -6.36 10.50
N GLY A 245 -19.03 -5.63 10.65
CA GLY A 245 -18.98 -4.28 10.11
C GLY A 245 -19.47 -4.31 8.67
N MET A 246 -18.85 -5.14 7.84
CA MET A 246 -19.16 -5.12 6.42
C MET A 246 -20.60 -5.56 6.17
N GLN A 247 -21.11 -6.50 6.98
CA GLN A 247 -22.50 -6.91 6.78
C GLN A 247 -23.43 -5.73 7.03
N ALA A 248 -23.19 -5.01 8.13
CA ALA A 248 -24.00 -3.84 8.47
C ALA A 248 -23.92 -2.80 7.37
N LEU A 249 -22.71 -2.55 6.87
CA LEU A 249 -22.53 -1.61 5.78
C LEU A 249 -23.33 -2.02 4.55
N ALA A 250 -23.30 -3.31 4.18
CA ALA A 250 -24.03 -3.77 3.01
C ALA A 250 -25.55 -3.66 3.21
N ASP A 251 -26.04 -3.94 4.44
CA ASP A 251 -27.45 -3.80 4.80
C ASP A 251 -27.91 -2.35 4.84
N GLY A 252 -27.01 -1.41 4.61
CA GLY A 252 -27.37 -0.01 4.65
C GLY A 252 -27.38 0.60 6.03
N LYS A 253 -26.97 -0.14 7.07
CA LYS A 253 -27.04 0.38 8.43
C LYS A 253 -25.76 1.11 8.86
N PHE A 254 -24.65 0.84 8.19
CA PHE A 254 -23.51 1.75 8.19
C PHE A 254 -23.49 2.53 6.87
N ASN A 255 -22.65 3.57 6.85
CA ASN A 255 -22.48 4.41 5.67
C ASN A 255 -21.09 4.33 5.07
N TYR A 256 -20.03 4.24 5.89
CA TYR A 256 -18.68 4.17 5.32
C TYR A 256 -17.81 3.37 6.27
N ILE A 257 -16.97 2.50 5.72
CA ILE A 257 -16.03 1.73 6.54
C ILE A 257 -14.65 1.81 5.90
N VAL A 258 -13.63 2.02 6.75
CA VAL A 258 -12.23 2.00 6.31
C VAL A 258 -11.63 0.68 6.80
N GLU A 259 -10.90 -0.03 5.91
CA GLU A 259 -10.37 -1.34 6.24
C GLU A 259 -9.16 -1.22 7.17
N CYS A 260 -9.08 -2.11 8.15
CA CYS A 260 -7.84 -2.36 8.86
C CYS A 260 -7.61 -3.86 8.83
N ASN A 261 -6.43 -4.27 8.40
CA ASN A 261 -6.26 -5.63 7.91
C ASN A 261 -5.72 -6.49 9.04
N PRO A 262 -6.53 -7.41 9.59
CA PRO A 262 -6.06 -8.17 10.76
C PRO A 262 -5.08 -9.28 10.44
N LEU A 263 -4.91 -9.68 9.17
CA LEU A 263 -4.19 -10.91 8.85
C LEU A 263 -2.66 -10.73 8.77
N LEU A 264 -2.06 -10.30 9.89
CA LEU A 264 -0.59 -10.27 10.02
C LEU A 264 0.05 -11.65 10.18
N GLY A 265 -0.70 -12.71 10.47
CA GLY A 265 -0.10 -13.99 10.77
C GLY A 265 1.11 -14.29 9.89
N PRO A 266 0.87 -14.43 8.57
CA PRO A 266 1.95 -14.90 7.69
C PRO A 266 3.16 -13.98 7.59
N GLU A 267 2.97 -12.66 7.38
CA GLU A 267 4.19 -11.85 7.33
C GLU A 267 4.85 -11.76 8.70
N LEU A 268 4.07 -11.88 9.78
CA LEU A 268 4.71 -12.00 11.08
C LEU A 268 5.64 -13.20 11.12
N MET A 269 5.21 -14.34 10.58
CA MET A 269 6.11 -15.49 10.58
C MET A 269 7.35 -15.24 9.69
N ASP A 270 7.17 -14.62 8.51
CA ASP A 270 8.33 -14.29 7.68
C ASP A 270 9.36 -13.53 8.50
N LEU A 271 8.90 -12.46 9.16
CA LEU A 271 9.81 -11.60 9.91
C LEU A 271 10.42 -12.35 11.09
N ALA A 272 9.61 -13.14 11.81
CA ALA A 272 10.13 -13.87 12.95
C ALA A 272 11.29 -14.73 12.51
N LYS A 273 11.12 -15.48 11.43
CA LYS A 273 12.20 -16.31 10.93
C LYS A 273 13.43 -15.48 10.59
N LYS A 274 13.26 -14.39 9.82
CA LYS A 274 14.49 -13.74 9.40
C LYS A 274 15.20 -13.01 10.56
N VAL A 275 14.46 -12.46 11.54
CA VAL A 275 15.16 -11.81 12.65
C VAL A 275 15.84 -12.87 13.54
N ALA A 276 15.21 -14.04 13.68
CA ALA A 276 15.87 -15.13 14.38
C ALA A 276 17.14 -15.53 13.66
N ALA A 277 17.05 -15.82 12.36
CA ALA A 277 18.23 -16.10 11.56
C ALA A 277 19.19 -14.92 11.50
N GLY A 278 18.83 -13.75 12.04
CA GLY A 278 19.67 -12.58 11.93
C GLY A 278 19.68 -11.87 10.58
N GLU A 279 18.90 -12.36 9.58
CA GLU A 279 18.65 -11.59 8.36
C GLU A 279 18.21 -10.17 8.75
N PRO A 280 18.50 -9.15 7.93
CA PRO A 280 18.00 -7.82 8.22
C PRO A 280 16.59 -7.66 7.68
N VAL A 281 15.80 -6.87 8.41
CA VAL A 281 14.41 -6.64 7.99
C VAL A 281 14.08 -5.16 8.13
N PRO A 282 13.19 -4.66 7.26
CA PRO A 282 12.89 -3.21 7.29
C PRO A 282 12.30 -2.84 8.63
N GLU A 283 12.47 -1.57 9.00
CA GLU A 283 12.14 -1.16 10.35
C GLU A 283 10.65 -0.95 10.56
N ARG A 284 9.90 -0.51 9.53
CA ARG A 284 8.46 -0.62 9.66
C ARG A 284 7.85 -1.28 8.43
N VAL A 285 6.83 -2.09 8.67
CA VAL A 285 6.04 -2.72 7.62
C VAL A 285 4.61 -2.23 7.78
N VAL A 286 4.10 -1.56 6.75
CA VAL A 286 2.77 -0.94 6.79
C VAL A 286 1.82 -1.77 5.95
N THR A 287 0.67 -2.15 6.54
CA THR A 287 -0.37 -2.96 5.93
C THR A 287 -1.40 -2.07 5.23
N PRO A 288 -1.83 -2.43 4.01
CA PRO A 288 -2.64 -1.50 3.19
C PRO A 288 -4.05 -1.40 3.74
N ASP A 289 -4.73 -0.36 3.26
CA ASP A 289 -6.10 -0.10 3.60
C ASP A 289 -6.87 0.33 2.36
N GLU A 290 -8.17 0.08 2.40
CA GLU A 290 -9.12 0.58 1.42
C GLU A 290 -10.39 0.95 2.18
N ALA A 291 -11.28 1.69 1.53
CA ALA A 291 -12.55 2.04 2.15
C ALA A 291 -13.71 1.58 1.28
N PHE A 292 -14.87 1.41 1.92
CA PHE A 292 -16.07 0.88 1.28
C PHE A 292 -17.31 1.74 1.55
N ASP A 293 -18.15 1.93 0.54
CA ASP A 293 -19.53 2.36 0.70
C ASP A 293 -20.42 1.10 0.69
N GLN A 294 -21.74 1.26 0.64
CA GLN A 294 -22.62 0.09 0.71
C GLN A 294 -22.37 -0.86 -0.47
N ALA A 295 -22.48 -0.34 -1.69
CA ALA A 295 -22.32 -1.20 -2.86
C ALA A 295 -20.99 -1.95 -2.81
N GLN A 296 -19.90 -1.21 -2.64
CA GLN A 296 -18.60 -1.85 -2.60
C GLN A 296 -18.51 -2.87 -1.48
N ALA A 297 -19.20 -2.60 -0.36
CA ALA A 297 -19.24 -3.57 0.73
C ALA A 297 -19.83 -4.88 0.24
N LYS A 298 -20.91 -4.80 -0.55
CA LYS A 298 -21.56 -6.02 -0.99
C LYS A 298 -20.67 -6.79 -1.95
N ALA A 299 -19.82 -6.08 -2.71
CA ALA A 299 -18.89 -6.77 -3.61
C ALA A 299 -17.69 -7.35 -2.87
N ALA A 300 -17.21 -6.66 -1.83
CA ALA A 300 -16.00 -7.10 -1.14
C ALA A 300 -16.26 -8.35 -0.33
N LEU A 301 -17.50 -8.56 0.11
CA LEU A 301 -17.74 -9.71 0.99
C LEU A 301 -17.34 -11.07 0.42
N PRO A 302 -17.55 -11.38 -0.85
CA PRO A 302 -17.44 -12.77 -1.30
C PRO A 302 -16.13 -13.50 -1.01
N ASN A 303 -14.96 -13.13 -1.47
CA ASN A 303 -13.97 -14.06 -0.95
C ASN A 303 -13.05 -13.33 0.01
N ARG A 304 -13.66 -12.84 1.08
CA ARG A 304 -13.01 -11.84 1.92
C ARG A 304 -11.67 -12.34 2.42
N GLN A 305 -11.61 -13.56 2.95
CA GLN A 305 -10.34 -13.94 3.56
C GLN A 305 -9.21 -14.01 2.52
N TYR A 306 -9.52 -14.50 1.31
CA TYR A 306 -8.54 -14.51 0.23
C TYR A 306 -8.12 -13.11 -0.17
N LYS A 307 -9.09 -12.25 -0.43
CA LYS A 307 -8.79 -10.87 -0.80
C LYS A 307 -7.97 -10.17 0.28
N LEU A 308 -8.34 -10.34 1.56
CA LEU A 308 -7.54 -9.76 2.65
C LEU A 308 -6.10 -10.22 2.55
N ALA A 309 -5.90 -11.54 2.38
CA ALA A 309 -4.53 -12.06 2.31
C ALA A 309 -3.77 -11.46 1.13
N ALA A 310 -4.45 -11.20 0.02
CA ALA A 310 -3.78 -10.55 -1.11
C ALA A 310 -3.41 -9.09 -0.78
N ALA A 311 -4.36 -8.36 -0.16
CA ALA A 311 -4.06 -7.01 0.29
C ALA A 311 -2.80 -6.99 1.12
N LEU A 312 -2.68 -7.95 2.04
CA LEU A 312 -1.50 -7.95 2.90
C LEU A 312 -0.23 -8.24 2.10
N GLU A 313 -0.29 -9.19 1.14
CA GLU A 313 0.90 -9.40 0.29
C GLU A 313 1.27 -8.12 -0.48
N HIS A 314 0.40 -7.10 -0.54
CA HIS A 314 0.74 -5.80 -1.12
C HIS A 314 1.18 -4.72 -0.09
N HIS A 315 1.67 -5.12 1.09
CA HIS A 315 2.17 -4.17 2.10
C HIS A 315 3.39 -3.37 1.58
N HIS A 316 3.84 -2.38 2.36
CA HIS A 316 5.03 -1.64 1.94
C HIS A 316 5.97 -1.38 3.13
N HIS A 317 7.24 -1.17 2.83
CA HIS A 317 8.23 -0.99 3.88
C HIS A 317 8.56 0.49 4.06
N HIS A 318 9.00 0.82 5.28
CA HIS A 318 9.81 2.00 5.58
C HIS A 318 11.15 1.50 6.07
N HIS A 319 12.23 1.97 5.41
CA HIS A 319 13.61 1.55 5.68
C HIS A 319 14.51 2.55 6.43
N ALA B 16 -21.05 16.78 -19.66
CA ALA B 16 -20.16 15.90 -18.90
C ALA B 16 -18.68 16.27 -19.09
N LEU B 17 -17.81 15.62 -18.31
CA LEU B 17 -16.41 15.99 -18.18
C LEU B 17 -15.63 15.68 -19.46
N THR B 18 -14.59 16.46 -19.74
CA THR B 18 -13.68 16.18 -20.85
C THR B 18 -12.24 16.20 -20.37
N LEU B 19 -11.56 15.06 -20.51
CA LEU B 19 -10.20 14.86 -20.02
C LEU B 19 -9.28 14.64 -21.20
N GLY B 20 -8.13 15.31 -21.20
CA GLY B 20 -7.06 15.06 -22.15
C GLY B 20 -5.92 14.37 -21.47
N PHE B 21 -5.48 13.25 -22.06
CA PHE B 21 -4.36 12.49 -21.54
C PHE B 21 -3.26 12.37 -22.57
N ALA B 22 -2.02 12.74 -22.19
CA ALA B 22 -0.85 12.71 -23.07
C ALA B 22 0.07 11.57 -22.64
N GLN B 23 -0.11 10.42 -23.28
CA GLN B 23 0.62 9.20 -22.98
C GLN B 23 1.97 9.18 -23.69
N VAL B 24 2.94 8.50 -23.08
CA VAL B 24 4.29 8.35 -23.62
C VAL B 24 4.26 7.78 -25.02
N GLY B 25 3.84 6.53 -25.14
CA GLY B 25 3.96 5.76 -26.36
C GLY B 25 3.52 4.35 -26.10
N ALA B 26 4.08 3.42 -26.87
CA ALA B 26 3.70 2.02 -26.70
C ALA B 26 4.93 1.13 -26.71
N GLU B 27 5.96 1.52 -25.98
CA GLU B 27 7.24 0.80 -25.99
C GLU B 27 7.15 -0.53 -25.27
N SER B 28 6.08 -0.72 -24.52
CA SER B 28 6.01 -1.51 -23.30
C SER B 28 4.72 -2.29 -23.26
N GLY B 29 4.77 -3.47 -22.63
CA GLY B 29 3.53 -4.17 -22.34
C GLY B 29 2.79 -3.49 -21.20
N TRP B 30 3.56 -2.96 -20.24
CA TRP B 30 3.01 -2.13 -19.17
C TRP B 30 2.30 -0.92 -19.77
N ARG B 31 2.90 -0.27 -20.78
CA ARG B 31 2.27 0.93 -21.28
C ARG B 31 1.00 0.60 -22.05
N THR B 32 0.97 -0.48 -22.81
CA THR B 32 -0.28 -0.80 -23.48
C THR B 32 -1.34 -1.23 -22.48
N ALA B 33 -0.94 -1.95 -21.42
CA ALA B 33 -1.87 -2.20 -20.32
C ALA B 33 -2.42 -0.89 -19.75
N ASN B 34 -1.52 0.01 -19.36
CA ASN B 34 -1.88 1.32 -18.81
C ASN B 34 -2.82 2.08 -19.74
N THR B 35 -2.52 2.08 -21.04
CA THR B 35 -3.38 2.73 -22.01
C THR B 35 -4.76 2.10 -22.06
N GLU B 36 -4.86 0.77 -22.05
CA GLU B 36 -6.20 0.19 -21.92
C GLU B 36 -6.86 0.67 -20.64
N SER B 37 -6.09 0.77 -19.55
CA SER B 37 -6.72 1.13 -18.28
C SER B 37 -7.32 2.52 -18.36
N ILE B 38 -6.59 3.46 -18.97
CA ILE B 38 -7.06 4.83 -19.11
C ILE B 38 -8.25 4.91 -20.09
N LYS B 39 -8.15 4.26 -21.26
CA LYS B 39 -9.25 4.29 -22.23
C LYS B 39 -10.53 3.68 -21.65
N SER B 40 -10.45 2.45 -21.11
CA SER B 40 -11.66 1.84 -20.61
C SER B 40 -12.13 2.51 -19.33
N ALA B 41 -11.20 3.06 -18.55
CA ALA B 41 -11.61 3.76 -17.33
C ALA B 41 -12.42 4.98 -17.66
N ALA B 42 -11.94 5.78 -18.61
CA ALA B 42 -12.74 6.90 -19.10
C ALA B 42 -14.08 6.39 -19.64
N GLU B 43 -14.06 5.28 -20.39
CA GLU B 43 -15.32 4.82 -20.98
C GLU B 43 -16.38 4.45 -19.93
N GLU B 44 -16.00 4.01 -18.72
CA GLU B 44 -17.10 3.69 -17.79
C GLU B 44 -17.39 4.90 -16.95
N ALA B 45 -16.37 5.69 -16.66
CA ALA B 45 -16.60 6.78 -15.75
C ALA B 45 -17.48 7.85 -16.36
N GLY B 46 -17.77 7.70 -17.65
CA GLY B 46 -18.57 8.64 -18.40
C GLY B 46 -17.77 9.79 -18.93
N VAL B 47 -16.45 9.66 -19.02
CA VAL B 47 -15.55 10.79 -19.32
C VAL B 47 -15.27 10.83 -20.81
N ASN B 48 -15.42 12.01 -21.40
CA ASN B 48 -15.01 12.24 -22.79
C ASN B 48 -13.50 12.39 -22.79
N LEU B 49 -12.81 11.31 -23.14
CA LEU B 49 -11.36 11.30 -23.17
C LEU B 49 -10.87 11.66 -24.56
N LYS B 50 -9.83 12.49 -24.60
CA LYS B 50 -9.09 12.78 -25.82
C LYS B 50 -7.63 12.38 -25.53
N PHE B 51 -7.13 11.41 -26.31
CA PHE B 51 -5.98 10.60 -25.93
C PHE B 51 -4.85 10.79 -26.92
N ALA B 52 -3.64 11.00 -26.40
CA ALA B 52 -2.46 11.26 -27.20
C ALA B 52 -1.35 10.26 -26.91
N ASP B 53 -0.70 9.81 -27.99
CA ASP B 53 0.45 8.91 -27.96
C ASP B 53 1.62 9.62 -28.65
N ALA B 54 2.62 10.00 -27.86
CA ALA B 54 3.75 10.79 -28.35
C ALA B 54 4.86 9.96 -28.98
N ASN B 55 4.64 8.66 -29.18
CA ASN B 55 5.64 7.79 -29.79
C ASN B 55 6.98 7.91 -29.08
N GLY B 56 6.91 8.03 -27.75
CA GLY B 56 8.09 8.07 -26.88
C GLY B 56 8.92 9.33 -26.96
N GLU B 57 8.40 10.41 -27.53
CA GLU B 57 9.22 11.59 -27.77
C GLU B 57 8.54 12.84 -27.23
N GLN B 58 9.33 13.60 -26.47
CA GLN B 58 8.84 14.62 -25.55
C GLN B 58 8.02 15.70 -26.24
N GLU B 59 8.49 16.18 -27.40
CA GLU B 59 7.93 17.38 -28.03
C GLU B 59 6.53 17.10 -28.60
N LYS B 60 6.27 15.86 -29.03
CA LYS B 60 4.91 15.54 -29.45
C LYS B 60 3.96 15.44 -28.27
N GLN B 61 4.49 15.05 -27.09
CA GLN B 61 3.69 15.10 -25.88
C GLN B 61 3.31 16.53 -25.52
N ILE B 62 4.30 17.43 -25.47
CA ILE B 62 4.03 18.84 -25.19
C ILE B 62 3.05 19.43 -26.20
N SER B 63 3.11 18.98 -27.46
CA SER B 63 2.16 19.47 -28.47
C SER B 63 0.74 18.96 -28.20
N ALA B 64 0.62 17.70 -27.77
CA ALA B 64 -0.66 17.24 -27.30
C ALA B 64 -1.18 18.13 -26.16
N ILE B 65 -0.29 18.48 -25.23
CA ILE B 65 -0.69 19.32 -24.10
C ILE B 65 -1.25 20.65 -24.60
N ARG B 66 -0.50 21.30 -25.49
CA ARG B 66 -0.93 22.60 -26.01
C ARG B 66 -2.25 22.48 -26.76
N SER B 67 -2.47 21.37 -27.46
CA SER B 67 -3.73 21.20 -28.17
C SER B 67 -4.88 20.92 -27.20
N PHE B 68 -4.56 20.36 -26.02
CA PHE B 68 -5.55 20.24 -24.95
C PHE B 68 -5.96 21.60 -24.42
N ILE B 69 -4.97 22.41 -24.03
CA ILE B 69 -5.29 23.78 -23.63
C ILE B 69 -6.08 24.42 -24.75
N GLN B 70 -5.67 24.12 -25.98
CA GLN B 70 -6.23 24.82 -27.13
C GLN B 70 -7.67 24.40 -27.44
N GLN B 71 -8.11 23.24 -26.86
CA GLN B 71 -9.46 22.70 -26.95
C GLN B 71 -10.35 23.09 -25.79
N GLY B 72 -9.86 23.68 -24.70
CA GLY B 72 -10.75 23.93 -23.59
C GLY B 72 -11.13 22.69 -22.79
N VAL B 73 -10.22 21.73 -22.65
CA VAL B 73 -10.37 20.57 -21.78
C VAL B 73 -10.65 21.03 -20.36
N ASP B 74 -11.38 20.23 -19.60
CA ASP B 74 -11.65 20.60 -18.22
C ASP B 74 -10.51 20.16 -17.31
N VAL B 75 -9.91 19.00 -17.60
CA VAL B 75 -8.73 18.51 -16.89
C VAL B 75 -7.73 17.95 -17.89
N ILE B 76 -6.46 18.07 -17.54
CA ILE B 76 -5.36 17.50 -18.32
C ILE B 76 -4.51 16.64 -17.41
N ALA B 77 -4.08 15.49 -17.94
CA ALA B 77 -3.23 14.54 -17.24
C ALA B 77 -2.25 13.96 -18.25
N PHE B 78 -1.06 13.62 -17.78
CA PHE B 78 -0.06 13.01 -18.64
C PHE B 78 0.90 12.18 -17.80
N SER B 79 1.88 11.59 -18.47
CA SER B 79 2.98 10.88 -17.81
C SER B 79 4.27 11.32 -18.49
N PRO B 80 5.12 12.07 -17.81
CA PRO B 80 6.26 12.69 -18.49
C PRO B 80 7.35 11.70 -18.87
N VAL B 81 7.50 11.50 -20.18
CA VAL B 81 8.55 10.67 -20.78
C VAL B 81 9.82 10.71 -19.95
N VAL B 82 10.35 11.91 -19.71
CA VAL B 82 11.49 12.09 -18.83
C VAL B 82 11.30 13.39 -18.05
N ARG B 83 12.14 13.56 -17.02
CA ARG B 83 11.84 14.53 -15.97
C ARG B 83 12.00 15.97 -16.40
N THR B 84 12.94 16.27 -17.27
CA THR B 84 13.29 17.65 -17.48
C THR B 84 12.60 18.20 -18.74
N GLY B 85 12.19 19.47 -18.65
CA GLY B 85 11.73 20.26 -19.78
C GLY B 85 10.23 20.43 -19.92
N TRP B 86 9.54 20.58 -18.79
CA TRP B 86 8.10 20.75 -18.79
C TRP B 86 7.68 22.09 -18.18
N ASP B 87 8.62 22.91 -17.72
CA ASP B 87 8.26 24.14 -17.03
C ASP B 87 7.35 24.99 -17.89
N ALA B 88 7.74 25.20 -19.15
CA ALA B 88 6.98 26.08 -20.03
C ALA B 88 5.52 25.65 -20.11
N VAL B 89 5.28 24.42 -20.58
CA VAL B 89 3.91 24.00 -20.86
C VAL B 89 3.10 23.84 -19.58
N LEU B 90 3.76 23.60 -18.45
CA LEU B 90 3.04 23.49 -17.18
C LEU B 90 2.61 24.85 -16.68
N GLN B 91 3.46 25.88 -16.86
CA GLN B 91 3.03 27.25 -16.58
C GLN B 91 1.93 27.69 -17.56
N GLU B 92 1.96 27.17 -18.78
CA GLU B 92 0.92 27.45 -19.75
C GLU B 92 -0.47 26.97 -19.32
N THR B 93 -0.57 25.67 -18.97
CA THR B 93 -1.81 25.17 -18.40
C THR B 93 -2.09 25.82 -17.06
N LYS B 94 -1.00 26.11 -16.32
CA LYS B 94 -1.08 26.96 -15.15
C LYS B 94 -1.99 28.14 -15.42
N ASN B 95 -1.70 28.87 -16.49
CA ASN B 95 -2.38 30.14 -16.73
C ASN B 95 -3.70 29.98 -17.48
N ALA B 96 -3.90 28.86 -18.18
CA ALA B 96 -5.17 28.62 -18.86
C ALA B 96 -6.29 28.26 -17.89
N GLY B 97 -5.96 27.93 -16.65
CA GLY B 97 -6.92 27.42 -15.68
C GLY B 97 -7.14 25.92 -15.74
N ILE B 98 -6.18 25.17 -16.30
CA ILE B 98 -6.27 23.73 -16.50
C ILE B 98 -5.60 23.04 -15.32
N PRO B 99 -6.33 22.38 -14.42
CA PRO B 99 -5.67 21.49 -13.46
C PRO B 99 -4.87 20.43 -14.19
N VAL B 100 -3.70 20.10 -13.65
CA VAL B 100 -2.93 18.93 -14.09
C VAL B 100 -2.86 17.89 -13.00
N ILE B 101 -2.93 16.63 -13.45
CA ILE B 101 -2.76 15.43 -12.64
C ILE B 101 -1.60 14.66 -13.26
N LEU B 102 -0.56 14.39 -12.48
CA LEU B 102 0.55 13.60 -12.96
C LEU B 102 0.25 12.13 -12.76
N THR B 103 0.68 11.30 -13.72
CA THR B 103 0.49 9.85 -13.66
C THR B 103 1.79 9.13 -14.00
N ASP B 104 2.07 8.10 -13.22
CA ASP B 104 3.11 7.14 -13.52
C ASP B 104 4.53 7.71 -13.35
N ARG B 105 4.90 8.75 -14.10
CA ARG B 105 6.26 9.28 -14.06
C ARG B 105 6.27 10.69 -13.48
N ALA B 106 7.35 11.03 -12.77
CA ALA B 106 7.51 12.35 -12.18
C ALA B 106 8.13 13.34 -13.17
N VAL B 107 7.92 14.64 -12.88
CA VAL B 107 8.61 15.74 -13.56
C VAL B 107 9.53 16.44 -12.56
N ASP B 108 10.61 17.04 -13.07
CA ASP B 108 11.60 17.74 -12.25
C ASP B 108 11.47 19.25 -12.49
N THR B 109 10.51 19.87 -11.78
CA THR B 109 10.14 21.27 -11.95
C THR B 109 10.33 22.01 -10.64
N GLN B 110 10.59 23.33 -10.70
CA GLN B 110 10.84 24.09 -9.48
C GLN B 110 9.83 25.19 -9.15
N ASP B 111 8.72 25.31 -9.88
CA ASP B 111 7.61 26.13 -9.39
C ASP B 111 6.33 25.32 -9.45
N THR B 112 5.52 25.43 -8.40
CA THR B 112 4.43 24.48 -8.25
C THR B 112 3.11 25.21 -8.05
N ASP B 113 2.14 24.46 -7.53
CA ASP B 113 0.75 24.56 -7.92
C ASP B 113 0.65 24.61 -9.43
N VAL B 114 1.57 23.89 -10.09
CA VAL B 114 1.48 23.62 -11.52
C VAL B 114 0.66 22.37 -11.79
N TYR B 115 0.45 21.54 -10.77
CA TYR B 115 -0.35 20.33 -10.88
C TYR B 115 -0.94 19.98 -9.51
N LYS B 116 -2.02 19.20 -9.54
CA LYS B 116 -2.85 18.91 -8.38
C LYS B 116 -2.54 17.58 -7.69
N THR B 117 -1.81 16.66 -8.32
CA THR B 117 -1.41 15.42 -7.66
C THR B 117 -0.62 14.51 -8.62
N PHE B 118 0.06 13.51 -8.05
CA PHE B 118 0.93 12.59 -8.78
C PHE B 118 0.65 11.17 -8.31
N ILE B 119 0.20 10.31 -9.24
CA ILE B 119 -0.23 8.94 -8.92
C ILE B 119 0.69 7.95 -9.65
N GLY B 120 1.48 7.21 -8.89
CA GLY B 120 2.44 6.32 -9.51
C GLY B 120 3.02 5.37 -8.49
N ALA B 121 3.94 4.55 -8.96
CA ALA B 121 4.54 3.57 -8.06
C ALA B 121 5.79 4.18 -7.44
N ASP B 122 6.31 3.53 -6.39
CA ASP B 122 7.56 4.00 -5.82
C ASP B 122 8.67 3.14 -6.41
N PHE B 123 9.25 3.68 -7.49
CA PHE B 123 10.24 2.99 -8.32
C PHE B 123 11.51 2.68 -7.53
N ILE B 124 11.92 3.60 -6.65
CA ILE B 124 13.11 3.38 -5.85
C ILE B 124 12.98 2.06 -5.09
N GLU B 125 11.81 1.83 -4.48
CA GLU B 125 11.62 0.62 -3.70
C GLU B 125 11.46 -0.60 -4.61
N GLU B 126 10.93 -0.43 -5.83
CA GLU B 126 10.93 -1.54 -6.77
C GLU B 126 12.36 -2.00 -7.04
N GLY B 127 13.22 -1.04 -7.37
CA GLY B 127 14.63 -1.36 -7.51
C GLY B 127 15.23 -1.95 -6.24
N ARG B 128 14.85 -1.40 -5.07
CA ARG B 128 15.48 -1.89 -3.86
C ARG B 128 15.07 -3.32 -3.57
N ARG B 129 13.82 -3.69 -3.84
CA ARG B 129 13.49 -5.07 -3.50
C ARG B 129 14.00 -6.05 -4.56
N ALA B 130 14.20 -5.60 -5.80
CA ALA B 130 14.95 -6.45 -6.73
C ALA B 130 16.39 -6.63 -6.25
N GLY B 131 17.04 -5.52 -5.86
CA GLY B 131 18.40 -5.61 -5.35
C GLY B 131 18.48 -6.43 -4.08
N GLN B 132 17.46 -6.35 -3.23
CA GLN B 132 17.47 -7.13 -2.00
C GLN B 132 17.24 -8.60 -2.28
N TRP B 133 16.41 -8.94 -3.28
CA TRP B 133 16.33 -10.34 -3.68
C TRP B 133 17.69 -10.87 -4.16
N VAL B 134 18.35 -10.13 -5.06
CA VAL B 134 19.65 -10.56 -5.56
C VAL B 134 20.60 -10.77 -4.39
N ALA B 135 20.67 -9.77 -3.50
CA ALA B 135 21.57 -9.84 -2.36
C ALA B 135 21.22 -11.03 -1.47
N ASP B 136 19.93 -11.42 -1.40
CA ASP B 136 19.64 -12.43 -0.39
C ASP B 136 19.83 -13.83 -0.99
N GLN B 137 19.89 -13.93 -2.33
CA GLN B 137 20.27 -15.21 -2.94
C GLN B 137 21.75 -15.46 -2.79
N TYR B 138 22.55 -14.49 -3.20
CA TYR B 138 24.01 -14.61 -3.16
C TYR B 138 24.55 -14.24 -1.79
N ALA B 139 23.82 -14.61 -0.75
CA ALA B 139 24.25 -14.29 0.60
C ALA B 139 25.45 -15.14 1.01
N SER B 140 25.64 -16.31 0.40
CA SER B 140 26.80 -17.13 0.71
C SER B 140 27.74 -17.35 -0.48
N ALA B 141 27.59 -16.60 -1.56
CA ALA B 141 28.54 -16.71 -2.66
C ALA B 141 29.97 -16.58 -2.14
N THR B 142 30.78 -17.62 -2.38
CA THR B 142 32.16 -17.63 -1.88
C THR B 142 33.01 -16.56 -2.55
N GLY B 143 32.78 -16.30 -3.83
CA GLY B 143 33.52 -15.28 -4.53
C GLY B 143 32.61 -14.29 -5.23
N PRO B 144 33.13 -13.63 -6.26
CA PRO B 144 32.34 -12.57 -6.88
C PRO B 144 31.16 -13.11 -7.68
N VAL B 145 30.06 -12.36 -7.62
CA VAL B 145 28.82 -12.65 -8.34
C VAL B 145 28.47 -11.39 -9.14
N ASN B 146 28.24 -11.59 -10.43
CA ASN B 146 28.37 -10.55 -11.46
C ASN B 146 27.03 -10.20 -12.11
N ILE B 147 26.68 -8.90 -11.98
CA ILE B 147 25.35 -8.36 -12.30
C ILE B 147 25.44 -7.53 -13.58
N VAL B 148 24.44 -7.68 -14.44
CA VAL B 148 24.33 -6.89 -15.66
C VAL B 148 23.00 -6.17 -15.62
N GLN B 149 23.01 -4.86 -15.87
CA GLN B 149 21.79 -4.07 -15.78
C GLN B 149 21.35 -3.55 -17.13
N LEU B 150 20.08 -3.84 -17.49
CA LEU B 150 19.42 -3.27 -18.65
C LEU B 150 18.61 -2.09 -18.16
N GLU B 151 19.01 -0.89 -18.55
CA GLU B 151 18.53 0.33 -17.95
C GLU B 151 17.40 0.92 -18.79
N GLY B 152 16.56 1.73 -18.15
CA GLY B 152 15.40 2.28 -18.82
C GLY B 152 15.75 3.50 -19.62
N THR B 153 14.78 3.95 -20.42
CA THR B 153 14.96 5.14 -21.23
C THR B 153 15.64 6.22 -20.41
N THR B 154 16.86 6.59 -20.82
CA THR B 154 17.66 7.56 -20.09
C THR B 154 16.90 8.86 -19.89
N GLY B 155 16.70 9.25 -18.62
CA GLY B 155 16.01 10.48 -18.27
C GLY B 155 14.65 10.29 -17.63
N ALA B 156 14.05 9.11 -17.79
CA ALA B 156 12.71 8.87 -17.29
C ALA B 156 12.76 8.56 -15.80
N ASP B 157 11.79 9.11 -15.05
CA ASP B 157 11.68 8.95 -13.60
C ASP B 157 12.02 7.52 -13.21
N PRO B 158 11.33 6.53 -13.80
CA PRO B 158 11.56 5.13 -13.40
C PRO B 158 12.96 4.63 -13.62
N ALA B 159 13.61 5.01 -14.72
CA ALA B 159 14.97 4.53 -14.98
C ALA B 159 15.93 5.00 -13.88
N ILE B 160 15.89 6.30 -13.56
CA ILE B 160 16.76 6.86 -12.53
C ILE B 160 16.47 6.24 -11.16
N ASP B 161 15.18 6.19 -10.80
CA ASP B 161 14.84 5.71 -9.47
C ASP B 161 15.15 4.23 -9.31
N ARG B 162 14.83 3.40 -10.32
CA ARG B 162 15.09 1.97 -10.20
C ARG B 162 16.59 1.70 -10.19
N LYS B 163 17.34 2.42 -11.03
CA LYS B 163 18.78 2.60 -10.97
C LYS B 163 19.27 2.67 -9.53
N THR B 164 18.83 3.75 -8.86
CA THR B 164 19.23 4.03 -7.48
C THR B 164 18.82 2.92 -6.53
N GLY B 165 17.54 2.54 -6.57
CA GLY B 165 17.02 1.60 -5.60
C GLY B 165 17.70 0.26 -5.70
N PHE B 166 17.86 -0.26 -6.92
CA PHE B 166 18.55 -1.53 -7.08
C PHE B 166 19.98 -1.41 -6.58
N ALA B 167 20.64 -0.29 -6.90
CA ALA B 167 21.98 -0.06 -6.37
C ALA B 167 22.01 -0.27 -4.86
N GLU B 168 21.09 0.39 -4.14
CA GLU B 168 21.13 0.25 -2.69
C GLU B 168 20.76 -1.15 -2.24
N GLY B 169 19.86 -1.82 -2.96
CA GLY B 169 19.47 -3.16 -2.56
C GLY B 169 20.63 -4.13 -2.58
N ILE B 170 21.49 -4.02 -3.60
CA ILE B 170 22.69 -4.86 -3.63
C ILE B 170 23.79 -4.31 -2.75
N SER B 171 23.62 -3.09 -2.24
CA SER B 171 24.67 -2.33 -1.56
C SER B 171 25.29 -2.99 -0.33
N LYS B 172 24.73 -4.05 0.24
CA LYS B 172 25.32 -4.56 1.48
C LYS B 172 25.73 -6.03 1.38
N ASN B 173 25.98 -6.49 0.17
CA ASN B 173 26.67 -7.76 -0.06
C ASN B 173 27.82 -7.47 -1.01
N PRO B 174 29.04 -7.36 -0.51
CA PRO B 174 30.14 -6.88 -1.36
C PRO B 174 30.47 -7.80 -2.53
N ASN B 175 30.07 -9.08 -2.49
CA ASN B 175 30.30 -9.96 -3.63
C ASN B 175 29.55 -9.47 -4.87
N LEU B 176 28.38 -8.86 -4.67
CA LEU B 176 27.55 -8.35 -5.77
C LEU B 176 28.09 -7.00 -6.28
N LYS B 177 28.38 -6.91 -7.59
CA LYS B 177 28.55 -5.64 -8.30
C LYS B 177 28.09 -5.78 -9.75
N ILE B 178 27.62 -4.65 -10.30
CA ILE B 178 27.05 -4.55 -11.64
C ILE B 178 28.18 -4.34 -12.64
N VAL B 179 28.50 -5.37 -13.43
CA VAL B 179 29.65 -5.25 -14.31
C VAL B 179 29.37 -4.28 -15.45
N ALA B 180 28.18 -4.36 -16.05
CA ALA B 180 27.81 -3.52 -17.17
C ALA B 180 26.34 -3.10 -17.04
N SER B 181 26.05 -1.83 -17.35
CA SER B 181 24.67 -1.34 -17.27
C SER B 181 24.49 -0.20 -18.26
N GLN B 182 23.59 -0.35 -19.22
CA GLN B 182 23.37 0.69 -20.19
C GLN B 182 21.92 0.66 -20.66
N THR B 183 21.50 1.77 -21.27
CA THR B 183 20.10 2.02 -21.56
C THR B 183 19.60 1.22 -22.75
N GLY B 184 18.33 0.85 -22.69
CA GLY B 184 17.65 0.07 -23.73
C GLY B 184 16.23 0.51 -24.06
N ASP B 185 15.82 1.70 -23.61
CA ASP B 185 14.52 2.30 -23.95
C ASP B 185 13.33 1.43 -23.58
N PHE B 186 13.44 0.64 -22.51
CA PHE B 186 12.29 -0.13 -21.99
C PHE B 186 11.64 -0.98 -23.08
N THR B 187 12.46 -1.63 -23.92
CA THR B 187 11.95 -2.37 -25.07
C THR B 187 12.48 -3.80 -25.10
N ARG B 188 11.73 -4.68 -25.76
CA ARG B 188 12.23 -6.03 -26.04
C ARG B 188 13.46 -5.97 -26.94
N SER B 189 13.34 -5.31 -28.09
CA SER B 189 14.49 -5.17 -28.97
C SER B 189 15.65 -4.49 -28.26
N GLY B 190 15.36 -3.49 -27.42
CA GLY B 190 16.43 -2.85 -26.66
C GLY B 190 17.14 -3.82 -25.74
N GLY B 191 16.36 -4.61 -25.00
CA GLY B 191 16.95 -5.61 -24.13
C GLY B 191 17.73 -6.67 -24.89
N LYS B 192 17.12 -7.18 -25.99
CA LYS B 192 17.83 -8.05 -26.92
C LYS B 192 19.19 -7.47 -27.33
N GLN B 193 19.19 -6.21 -27.78
CA GLN B 193 20.37 -5.57 -28.33
C GLN B 193 21.46 -5.38 -27.28
N VAL B 194 21.14 -4.67 -26.20
CA VAL B 194 22.10 -4.47 -25.13
C VAL B 194 22.50 -5.80 -24.51
N MET B 195 21.61 -6.80 -24.55
CA MET B 195 21.97 -8.07 -23.95
C MET B 195 22.97 -8.79 -24.83
N GLU B 196 22.88 -8.64 -26.15
CA GLU B 196 23.95 -9.27 -26.90
C GLU B 196 25.23 -8.40 -26.86
N ALA B 197 25.15 -7.05 -26.66
CA ALA B 197 26.40 -6.29 -26.43
C ALA B 197 27.11 -6.75 -25.15
N PHE B 198 26.35 -7.04 -24.10
CA PHE B 198 26.96 -7.49 -22.86
C PHE B 198 27.32 -8.98 -22.92
N LEU B 199 26.54 -9.81 -23.63
CA LEU B 199 27.06 -11.13 -23.98
C LEU B 199 28.43 -10.98 -24.61
N LYS B 200 28.59 -9.91 -25.39
CA LYS B 200 29.79 -9.69 -26.18
C LYS B 200 30.98 -9.37 -25.27
N SER B 201 30.89 -8.26 -24.54
CA SER B 201 32.02 -7.82 -23.71
C SER B 201 32.13 -8.60 -22.40
N THR B 202 31.00 -8.83 -21.66
CA THR B 202 31.28 -9.37 -20.31
C THR B 202 31.33 -10.90 -20.33
N PRO B 203 32.41 -11.49 -19.81
CA PRO B 203 32.65 -12.93 -20.00
C PRO B 203 32.06 -13.78 -18.88
N GLN B 204 31.75 -13.14 -17.75
CA GLN B 204 31.17 -13.83 -16.60
C GLN B 204 29.95 -13.04 -16.17
N ILE B 205 28.76 -13.61 -16.39
CA ILE B 205 27.50 -12.96 -16.08
C ILE B 205 26.62 -13.97 -15.33
N ASP B 206 26.29 -13.64 -14.09
CA ASP B 206 25.50 -14.53 -13.24
C ASP B 206 24.02 -14.16 -13.25
N VAL B 207 23.72 -12.88 -13.11
CA VAL B 207 22.35 -12.36 -12.97
C VAL B 207 22.17 -11.16 -13.91
N VAL B 208 20.97 -11.05 -14.47
CA VAL B 208 20.57 -9.88 -15.24
C VAL B 208 19.46 -9.19 -14.46
N PHE B 209 19.60 -7.87 -14.26
CA PHE B 209 18.54 -7.05 -13.67
C PHE B 209 17.95 -6.17 -14.75
N ALA B 210 16.69 -6.42 -15.10
CA ALA B 210 16.03 -5.70 -16.18
C ALA B 210 15.07 -4.69 -15.58
N GLN B 211 15.33 -3.39 -15.83
CA GLN B 211 14.52 -2.33 -15.23
C GLN B 211 13.05 -2.41 -15.65
N ASN B 212 12.75 -2.98 -16.82
CA ASN B 212 11.39 -3.46 -17.10
C ASN B 212 11.48 -4.83 -17.77
N ASP B 213 10.49 -5.70 -17.54
CA ASP B 213 10.66 -7.08 -17.99
C ASP B 213 10.49 -7.27 -19.50
N ASP B 214 10.09 -6.24 -20.26
CA ASP B 214 10.20 -6.34 -21.71
C ASP B 214 11.66 -6.50 -22.13
N MET B 215 12.53 -5.63 -21.60
CA MET B 215 13.96 -5.77 -21.85
C MET B 215 14.47 -7.08 -21.31
N GLY B 216 13.90 -7.56 -20.20
CA GLY B 216 14.27 -8.87 -19.71
C GLY B 216 13.91 -9.98 -20.69
N LEU B 217 12.76 -9.86 -21.36
CA LEU B 217 12.37 -10.85 -22.35
C LEU B 217 13.29 -10.82 -23.56
N GLY B 218 13.66 -9.62 -24.02
CA GLY B 218 14.63 -9.52 -25.11
C GLY B 218 15.97 -10.14 -24.74
N ALA B 219 16.47 -9.80 -23.55
CA ALA B 219 17.71 -10.38 -23.08
C ALA B 219 17.58 -11.90 -22.96
N MET B 220 16.43 -12.36 -22.52
CA MET B 220 16.18 -13.79 -22.46
C MET B 220 16.39 -14.43 -23.83
N GLU B 221 15.83 -13.81 -24.88
CA GLU B 221 16.05 -14.34 -26.22
C GLU B 221 17.52 -14.34 -26.59
N ALA B 222 18.25 -13.28 -26.21
CA ALA B 222 19.67 -13.22 -26.57
C ALA B 222 20.45 -14.35 -25.91
N ILE B 223 20.13 -14.64 -24.64
CA ILE B 223 20.77 -15.73 -23.92
C ILE B 223 20.41 -17.07 -24.55
N GLU B 224 19.11 -17.30 -24.79
CA GLU B 224 18.66 -18.45 -25.55
C GLU B 224 19.51 -18.66 -26.81
N ALA B 225 19.61 -17.60 -27.62
CA ALA B 225 20.31 -17.64 -28.89
C ALA B 225 21.77 -18.03 -28.72
N ALA B 226 22.45 -17.45 -27.72
CA ALA B 226 23.84 -17.83 -27.50
C ALA B 226 23.94 -19.31 -27.13
N GLY B 227 22.83 -19.92 -26.75
CA GLY B 227 22.70 -21.35 -26.51
C GLY B 227 22.60 -21.82 -25.07
N LYS B 228 22.47 -20.96 -24.06
CA LYS B 228 22.28 -21.50 -22.72
C LYS B 228 21.14 -20.75 -22.01
N LYS B 229 20.87 -21.12 -20.75
CA LYS B 229 19.49 -21.20 -20.33
C LYS B 229 19.09 -20.03 -19.44
N PRO B 230 18.20 -19.15 -19.89
CA PRO B 230 17.68 -18.16 -18.96
C PRO B 230 17.02 -18.90 -17.80
N GLY B 231 17.21 -18.37 -16.60
CA GLY B 231 16.60 -18.94 -15.42
C GLY B 231 17.46 -19.93 -14.66
N THR B 232 18.44 -20.56 -15.31
CA THR B 232 19.34 -21.44 -14.57
C THR B 232 20.79 -20.99 -14.65
N ASP B 233 21.31 -20.71 -15.84
CA ASP B 233 22.69 -20.25 -15.93
C ASP B 233 22.82 -18.75 -15.65
N ILE B 234 22.11 -17.92 -16.42
CA ILE B 234 21.97 -16.51 -16.10
C ILE B 234 20.62 -16.32 -15.45
N LYS B 235 20.59 -15.75 -14.27
CA LYS B 235 19.28 -15.48 -13.68
C LYS B 235 18.84 -14.09 -14.09
N ILE B 236 17.53 -13.91 -14.25
CA ILE B 236 16.92 -12.64 -14.61
C ILE B 236 15.96 -12.22 -13.52
N VAL B 237 16.03 -10.95 -13.16
CA VAL B 237 15.12 -10.27 -12.26
C VAL B 237 14.66 -9.01 -12.96
N ALA B 238 13.35 -8.79 -12.99
CA ALA B 238 12.80 -7.67 -13.75
C ALA B 238 11.66 -7.03 -12.97
N VAL B 239 11.25 -5.86 -13.45
CA VAL B 239 10.18 -5.07 -12.82
C VAL B 239 9.02 -4.95 -13.80
N ASP B 240 7.80 -5.08 -13.27
CA ASP B 240 6.53 -4.81 -13.95
C ASP B 240 5.48 -5.86 -13.58
N ALA B 241 5.76 -7.14 -13.83
CA ALA B 241 4.75 -8.19 -13.69
C ALA B 241 3.70 -8.07 -14.80
N THR B 242 4.18 -7.89 -16.03
CA THR B 242 3.40 -7.95 -17.25
C THR B 242 2.87 -9.37 -17.47
N HIS B 243 1.98 -9.55 -18.47
CA HIS B 243 1.46 -10.89 -18.73
C HIS B 243 2.59 -11.82 -19.16
N ASP B 244 3.39 -11.39 -20.15
CA ASP B 244 4.41 -12.27 -20.70
C ASP B 244 5.59 -12.38 -19.74
N GLY B 245 5.92 -11.29 -19.05
CA GLY B 245 6.83 -11.40 -17.93
C GLY B 245 6.43 -12.52 -17.00
N MET B 246 5.19 -12.52 -16.54
CA MET B 246 4.78 -13.49 -15.54
C MET B 246 4.75 -14.90 -16.11
N GLN B 247 4.37 -15.06 -17.38
CA GLN B 247 4.37 -16.41 -17.94
C GLN B 247 5.80 -16.94 -18.05
N ALA B 248 6.75 -16.10 -18.47
CA ALA B 248 8.17 -16.47 -18.50
C ALA B 248 8.68 -16.81 -17.09
N LEU B 249 8.36 -15.99 -16.09
CA LEU B 249 8.76 -16.34 -14.73
C LEU B 249 8.17 -17.68 -14.32
N ALA B 250 6.91 -17.93 -14.67
CA ALA B 250 6.27 -19.18 -14.27
C ALA B 250 6.95 -20.36 -14.92
N ASP B 251 7.40 -20.20 -16.18
CA ASP B 251 8.17 -21.17 -16.96
C ASP B 251 9.59 -21.36 -16.46
N GLY B 252 10.04 -20.59 -15.47
CA GLY B 252 11.39 -20.69 -14.97
C GLY B 252 12.47 -19.90 -15.71
N LYS B 253 12.13 -19.14 -16.74
CA LYS B 253 13.18 -18.41 -17.44
C LYS B 253 13.47 -17.06 -16.80
N PHE B 254 12.56 -16.53 -15.96
CA PHE B 254 12.91 -15.51 -14.98
C PHE B 254 13.02 -16.15 -13.60
N ASN B 255 13.54 -15.39 -12.67
CA ASN B 255 13.71 -15.86 -11.30
C ASN B 255 12.86 -15.10 -10.30
N TYR B 256 12.74 -13.79 -10.49
CA TYR B 256 12.03 -12.90 -9.58
C TYR B 256 11.51 -11.71 -10.39
N ILE B 257 10.25 -11.31 -10.15
CA ILE B 257 9.67 -10.12 -10.77
C ILE B 257 8.90 -9.31 -9.74
N VAL B 258 9.13 -7.99 -9.72
CA VAL B 258 8.49 -7.07 -8.78
C VAL B 258 7.36 -6.34 -9.49
N GLU B 259 6.19 -6.31 -8.87
CA GLU B 259 5.01 -5.81 -9.55
C GLU B 259 5.10 -4.29 -9.74
N CYS B 260 4.71 -3.81 -10.92
CA CYS B 260 4.36 -2.41 -11.10
C CYS B 260 2.99 -2.32 -11.76
N ASN B 261 2.10 -1.59 -11.12
CA ASN B 261 0.68 -1.78 -11.39
C ASN B 261 0.22 -0.74 -12.39
N PRO B 262 -0.10 -1.14 -13.64
CA PRO B 262 -0.45 -0.15 -14.66
C PRO B 262 -1.89 0.33 -14.60
N LEU B 263 -2.77 -0.30 -13.83
CA LEU B 263 -4.20 -0.02 -13.94
C LEU B 263 -4.61 1.22 -13.14
N LEU B 264 -4.01 2.36 -13.53
CA LEU B 264 -4.39 3.66 -12.97
C LEU B 264 -5.73 4.17 -13.45
N GLY B 265 -6.24 3.64 -14.56
CA GLY B 265 -7.40 4.22 -15.22
C GLY B 265 -8.40 4.77 -14.22
N PRO B 266 -8.92 3.90 -13.37
CA PRO B 266 -10.06 4.27 -12.53
C PRO B 266 -9.76 5.33 -11.49
N GLU B 267 -8.67 5.22 -10.74
CA GLU B 267 -8.36 6.28 -9.78
C GLU B 267 -7.96 7.54 -10.53
N LEU B 268 -7.42 7.42 -11.74
CA LEU B 268 -7.23 8.60 -12.59
C LEU B 268 -8.56 9.31 -12.84
N MET B 269 -9.61 8.56 -13.16
CA MET B 269 -10.92 9.19 -13.41
C MET B 269 -11.51 9.78 -12.12
N ASP B 270 -11.45 9.04 -11.01
CA ASP B 270 -11.90 9.61 -9.74
C ASP B 270 -11.21 10.93 -9.47
N LEU B 271 -9.87 10.94 -9.59
CA LEU B 271 -9.11 12.14 -9.30
C LEU B 271 -9.43 13.27 -10.26
N ALA B 272 -9.59 12.95 -11.55
CA ALA B 272 -9.96 13.98 -12.53
C ALA B 272 -11.29 14.64 -12.14
N LYS B 273 -12.29 13.83 -11.79
CA LYS B 273 -13.56 14.40 -11.36
C LYS B 273 -13.39 15.29 -10.13
N LYS B 274 -12.59 14.84 -9.16
CA LYS B 274 -12.47 15.63 -7.93
C LYS B 274 -11.71 16.94 -8.18
N VAL B 275 -10.72 16.91 -9.09
CA VAL B 275 -9.92 18.10 -9.37
C VAL B 275 -10.72 19.11 -10.22
N ALA B 276 -11.54 18.61 -11.13
CA ALA B 276 -12.42 19.50 -11.88
C ALA B 276 -13.44 20.15 -10.95
N ALA B 277 -14.18 19.34 -10.19
CA ALA B 277 -15.19 19.86 -9.26
C ALA B 277 -14.61 20.73 -8.14
N GLY B 278 -13.30 20.87 -8.02
CA GLY B 278 -12.72 21.62 -6.92
C GLY B 278 -12.71 20.94 -5.56
N GLU B 279 -13.25 19.70 -5.44
CA GLU B 279 -12.94 18.86 -4.29
C GLU B 279 -11.43 18.82 -4.09
N PRO B 280 -10.97 18.60 -2.87
CA PRO B 280 -9.53 18.46 -2.64
C PRO B 280 -9.06 17.03 -2.84
N VAL B 281 -7.82 16.90 -3.31
CA VAL B 281 -7.24 15.57 -3.50
C VAL B 281 -5.84 15.55 -2.91
N PRO B 282 -5.42 14.40 -2.38
CA PRO B 282 -4.12 14.30 -1.70
C PRO B 282 -3.00 14.57 -2.68
N GLU B 283 -1.86 14.98 -2.13
CA GLU B 283 -0.80 15.42 -3.00
C GLU B 283 -0.01 14.27 -3.58
N ARG B 284 0.14 13.12 -2.88
CA ARG B 284 0.66 11.98 -3.63
C ARG B 284 -0.19 10.73 -3.45
N VAL B 285 -0.30 9.94 -4.51
CA VAL B 285 -0.95 8.63 -4.49
C VAL B 285 0.06 7.58 -4.97
N VAL B 286 0.35 6.60 -4.10
CA VAL B 286 1.35 5.57 -4.36
C VAL B 286 0.60 4.25 -4.56
N THR B 287 0.87 3.57 -5.69
CA THR B 287 0.25 2.30 -6.08
C THR B 287 1.05 1.13 -5.54
N PRO B 288 0.40 0.13 -4.95
CA PRO B 288 1.14 -0.94 -4.27
C PRO B 288 1.82 -1.94 -5.20
N ASP B 289 2.85 -2.59 -4.65
CA ASP B 289 3.56 -3.66 -5.32
C ASP B 289 3.87 -4.80 -4.36
N GLU B 290 4.04 -5.97 -4.99
CA GLU B 290 4.45 -7.26 -4.42
C GLU B 290 5.43 -7.83 -5.42
N ALA B 291 6.12 -8.90 -5.02
CA ALA B 291 7.04 -9.60 -5.92
C ALA B 291 6.72 -11.08 -5.95
N PHE B 292 7.08 -11.72 -7.06
CA PHE B 292 6.78 -13.12 -7.30
C PHE B 292 8.07 -13.88 -7.61
N ASP B 293 8.19 -15.08 -7.06
CA ASP B 293 9.12 -16.08 -7.56
C ASP B 293 8.35 -16.97 -8.54
N GLN B 294 8.93 -18.11 -8.93
CA GLN B 294 8.26 -18.93 -9.94
C GLN B 294 6.89 -19.40 -9.45
N ALA B 295 6.87 -20.10 -8.31
CA ALA B 295 5.63 -20.65 -7.80
C ALA B 295 4.57 -19.57 -7.66
N GLN B 296 4.93 -18.46 -7.01
CA GLN B 296 3.96 -17.42 -6.77
C GLN B 296 3.41 -16.86 -8.09
N ALA B 297 4.25 -16.72 -9.12
CA ALA B 297 3.77 -16.26 -10.42
C ALA B 297 2.76 -17.25 -11.01
N LYS B 298 3.04 -18.54 -10.87
CA LYS B 298 2.13 -19.53 -11.46
C LYS B 298 0.80 -19.53 -10.70
N ALA B 299 0.81 -19.12 -9.41
CA ALA B 299 -0.43 -18.92 -8.65
C ALA B 299 -1.13 -17.61 -8.98
N ALA B 300 -0.35 -16.57 -9.26
CA ALA B 300 -0.87 -15.23 -9.47
C ALA B 300 -1.59 -15.06 -10.79
N LEU B 301 -1.18 -15.81 -11.83
CA LEU B 301 -1.76 -15.54 -13.16
C LEU B 301 -3.27 -15.64 -13.22
N PRO B 302 -3.93 -16.66 -12.65
CA PRO B 302 -5.37 -16.81 -12.85
C PRO B 302 -6.12 -15.58 -12.34
N ASN B 303 -7.00 -15.04 -13.19
CA ASN B 303 -7.80 -13.85 -12.88
C ASN B 303 -6.91 -12.68 -12.50
N ARG B 304 -5.89 -12.43 -13.33
CA ARG B 304 -4.90 -11.45 -12.92
C ARG B 304 -5.48 -10.04 -12.92
N GLN B 305 -6.22 -9.67 -13.98
CA GLN B 305 -6.64 -8.28 -14.10
C GLN B 305 -7.54 -7.88 -12.94
N TYR B 306 -8.39 -8.82 -12.49
CA TYR B 306 -9.19 -8.58 -11.30
C TYR B 306 -8.31 -8.32 -10.06
N LYS B 307 -7.34 -9.21 -9.82
CA LYS B 307 -6.43 -9.05 -8.69
C LYS B 307 -5.66 -7.72 -8.75
N LEU B 308 -5.14 -7.36 -9.92
CA LEU B 308 -4.50 -6.05 -10.07
C LEU B 308 -5.46 -4.92 -9.71
N ALA B 309 -6.72 -4.99 -10.15
CA ALA B 309 -7.65 -3.91 -9.79
C ALA B 309 -7.83 -3.83 -8.27
N ALA B 310 -7.90 -4.98 -7.59
CA ALA B 310 -8.02 -4.91 -6.13
C ALA B 310 -6.75 -4.33 -5.51
N ALA B 311 -5.59 -4.75 -6.03
CA ALA B 311 -4.33 -4.19 -5.59
C ALA B 311 -4.39 -2.67 -5.66
N LEU B 312 -4.83 -2.11 -6.78
CA LEU B 312 -4.80 -0.66 -6.89
C LEU B 312 -5.78 -0.02 -5.92
N GLU B 313 -6.97 -0.62 -5.73
CA GLU B 313 -7.89 -0.07 -4.73
C GLU B 313 -7.25 -0.05 -3.35
N HIS B 314 -6.11 -0.74 -3.15
CA HIS B 314 -5.36 -0.63 -1.90
C HIS B 314 -4.21 0.40 -1.96
N HIS B 315 -4.27 1.39 -2.85
CA HIS B 315 -3.21 2.40 -2.88
C HIS B 315 -3.12 3.14 -1.53
N HIS B 316 -2.08 3.96 -1.38
CA HIS B 316 -2.00 4.81 -0.18
C HIS B 316 -1.58 6.23 -0.57
N HIS B 317 -1.96 7.19 0.28
CA HIS B 317 -1.70 8.60 0.06
C HIS B 317 -0.49 9.01 0.86
N HIS B 318 0.20 10.06 0.37
CA HIS B 318 1.12 10.85 1.15
C HIS B 318 0.53 12.25 1.32
N HIS B 319 0.35 12.64 2.59
CA HIS B 319 -0.19 13.92 3.03
C HIS B 319 0.91 14.78 3.69
#